data_2L2V
#
_entry.id   2L2V
#
loop_
_entity.id
_entity.type
_entity.pdbx_description
1 polymer "DNA_(5'-D(*CP*AP*GP*CP*TP*AP*TP*GP*(3DR)P*GP*AP*AP*GP*C)-3')_"
2 polymer "DNA_(5'-D(*GP*CP*TP*TP*CP*AP*CP*AP*(3DR)P*AP*GP*CP*TP*G)-3')_"
#
loop_
_entity_poly.entity_id
_entity_poly.type
_entity_poly.pdbx_seq_one_letter_code
_entity_poly.pdbx_strand_id
1 'polydeoxyribonucleotide' (DC)(DA)(DG)(DC)(DT)(DA)(DT)(DG)(3DR)(DG)(DA)(DA)(DG)(DC) A
2 'polydeoxyribonucleotide' (DG)(DC)(DT)(DT)(DC)(DA)(DC)(DA)(3DR)(DA)(DG)(DC)(DT)(DG) B
#